data_3Q2H
#
_entry.id   3Q2H
#
_cell.length_a   50.859
_cell.length_b   63.328
_cell.length_c   110.844
_cell.angle_alpha   90.00
_cell.angle_beta   91.24
_cell.angle_gamma   90.00
#
_symmetry.space_group_name_H-M   'P 1 21 1'
#
loop_
_entity.id
_entity.type
_entity.pdbx_description
1 polymer 'A disintegrin and metalloproteinase with thrombospondin motifs 1'
2 non-polymer 'ZINC ION'
3 non-polymer 'CADMIUM ION'
4 non-polymer 'NICKEL (II) ION'
5 non-polymer 'MAGNESIUM ION'
6 non-polymer 'SODIUM ION'
7 non-polymer N-[(2S,4S)-1-({4-[2-(3,5-dimethyl-1,2-oxazol-4-yl)ethyl]piperidin-1-yl}sulfonyl)-4-(5-fluoropyrimidin-2-yl)-2-methylpentan-2-yl]-N-hydroxyformamide
8 water water
#
_entity_poly.entity_id   1
_entity_poly.type   'polypeptide(L)'
_entity_poly.pdbx_seq_one_letter_code
;SHRYVETMLVADQSMAEFHGSGLKHYLLTLFSVAARLYKHPSIRNSVSLVVVKILVIHDEQKGPEVTSNAALTLRNFCNW
QKQHNPPSDRDAEHYDTAILFTRQDLCGSQTCDTLGMADVGTVCDPSRSCSVIEDDGLQAAFTTAHELGHVFNMPHDDAK
QCASLNGVNQDSHMMASMLSNLDHSQPWSPCSAYMITSFLDNGHGECLMDKPQNPIQLPGDLPGTSYDANRQCQFTFGED
SKHCPDAASTCSTLWCTGTSGGVLVCQTKHFPWADGTSCGEGKWCINGKCVNKLVPR
;
_entity_poly.pdbx_strand_id   A,B
#
# COMPACT_ATOMS: atom_id res chain seq x y z
N SER A 1 9.59 -0.67 36.05
CA SER A 1 9.40 -1.91 35.22
C SER A 1 8.62 -1.65 33.91
N HIS A 2 8.49 -2.72 33.11
CA HIS A 2 8.04 -2.66 31.70
C HIS A 2 6.51 -2.59 31.55
N ARG A 3 6.02 -1.60 30.81
CA ARG A 3 4.56 -1.44 30.60
C ARG A 3 4.18 -1.78 29.14
N TYR A 4 3.08 -2.51 28.99
CA TYR A 4 2.62 -3.02 27.69
C TYR A 4 1.20 -2.47 27.43
N VAL A 5 1.09 -1.56 26.46
CA VAL A 5 -0.15 -0.91 26.22
C VAL A 5 -0.93 -1.70 25.17
N GLU A 6 -1.69 -2.68 25.64
CA GLU A 6 -2.48 -3.50 24.74
C GLU A 6 -3.60 -2.69 24.12
N THR A 7 -3.62 -2.63 22.78
CA THR A 7 -4.44 -1.72 22.00
C THR A 7 -5.31 -2.42 20.95
N MET A 8 -6.58 -1.97 20.85
CA MET A 8 -7.44 -2.21 19.72
C MET A 8 -7.43 -1.00 18.74
N LEU A 9 -7.32 -1.29 17.45
CA LEU A 9 -7.30 -0.24 16.44
C LEU A 9 -8.59 -0.47 15.72
N VAL A 10 -9.37 0.60 15.54
CA VAL A 10 -10.65 0.55 14.83
C VAL A 10 -10.64 1.58 13.67
N ALA A 11 -11.12 1.17 12.48
CA ALA A 11 -11.23 2.06 11.32
C ALA A 11 -12.68 2.16 10.90
N ASP A 12 -13.16 3.37 10.65
CA ASP A 12 -14.55 3.52 10.30
C ASP A 12 -14.78 3.28 8.82
N GLN A 13 -16.04 3.34 8.42
CA GLN A 13 -16.43 3.09 7.02
C GLN A 13 -15.69 4.03 6.09
N SER A 14 -15.47 5.28 6.48
CA SER A 14 -14.71 6.23 5.63
C SER A 14 -13.29 5.73 5.31
N MET A 15 -12.64 5.08 6.29
CA MET A 15 -11.30 4.50 6.13
C MET A 15 -11.30 3.26 5.28
N ALA A 16 -12.28 2.40 5.51
CA ALA A 16 -12.45 1.17 4.70
C ALA A 16 -12.64 1.52 3.19
N GLU A 17 -13.59 2.41 2.92
CA GLU A 17 -13.85 2.89 1.56
C GLU A 17 -12.60 3.51 1.00
N PHE A 18 -11.95 4.40 1.75
CA PHE A 18 -10.77 5.10 1.21
C PHE A 18 -9.57 4.19 0.95
N HIS A 19 -9.23 3.37 1.92
CA HIS A 19 -8.01 2.57 1.85
C HIS A 19 -8.22 1.21 1.19
N GLY A 20 -9.45 0.69 1.12
CA GLY A 20 -9.66 -0.62 0.49
C GLY A 20 -8.87 -1.71 1.22
N SER A 21 -8.28 -2.64 0.48
CA SER A 21 -7.57 -3.78 1.11
C SER A 21 -6.36 -3.35 1.93
N GLY A 22 -5.76 -2.24 1.55
CA GLY A 22 -4.55 -1.76 2.20
C GLY A 22 -4.76 -1.12 3.57
N LEU A 23 -5.98 -1.16 4.08
CA LEU A 23 -6.32 -0.43 5.30
C LEU A 23 -5.55 -0.90 6.53
N LYS A 24 -5.45 -2.21 6.77
CA LYS A 24 -4.80 -2.70 8.00
C LYS A 24 -3.30 -2.47 8.02
N HIS A 25 -2.65 -2.62 6.88
CA HIS A 25 -1.24 -2.30 6.83
C HIS A 25 -1.02 -0.82 7.17
N TYR A 26 -1.92 0.04 6.70
CA TYR A 26 -1.77 1.46 6.92
C TYR A 26 -1.92 1.85 8.40
N LEU A 27 -2.86 1.23 9.11
CA LEU A 27 -3.07 1.55 10.52
C LEU A 27 -1.88 1.09 11.32
N LEU A 28 -1.40 -0.10 10.99
CA LEU A 28 -0.22 -0.66 11.61
C LEU A 28 1.01 0.17 11.30
N THR A 29 1.10 0.69 10.09
CA THR A 29 2.18 1.61 9.78
C THR A 29 2.11 2.86 10.67
N LEU A 30 0.92 3.43 10.84
CA LEU A 30 0.74 4.55 11.80
C LEU A 30 1.19 4.17 13.17
N PHE A 31 0.70 3.05 13.63
CA PHE A 31 0.88 2.67 15.03
C PHE A 31 2.33 2.33 15.32
N SER A 32 3.04 1.80 14.32
CA SER A 32 4.46 1.50 14.49
C SER A 32 5.32 2.76 14.65
N VAL A 33 5.02 3.84 13.93
CA VAL A 33 5.70 5.10 14.19
C VAL A 33 5.42 5.60 15.61
N ALA A 34 4.17 5.47 16.05
CA ALA A 34 3.77 5.89 17.39
C ALA A 34 4.45 5.02 18.43
N ALA A 35 4.51 3.72 18.17
CA ALA A 35 5.22 2.82 19.03
C ALA A 35 6.70 3.25 19.16
N ARG A 36 7.32 3.71 18.08
CA ARG A 36 8.73 4.18 18.14
C ARG A 36 8.83 5.37 19.05
N LEU A 37 7.94 6.36 18.88
CA LEU A 37 7.99 7.61 19.70
C LEU A 37 7.95 7.33 21.20
N TYR A 38 7.17 6.31 21.59
CA TYR A 38 7.04 5.90 23.00
C TYR A 38 8.25 5.13 23.56
N LYS A 39 9.17 4.76 22.69
CA LYS A 39 10.45 4.12 23.07
C LYS A 39 11.57 5.15 23.13
N HIS A 40 11.30 6.37 22.66
CA HIS A 40 12.32 7.40 22.73
C HIS A 40 12.67 7.64 24.18
N PRO A 41 13.98 7.73 24.49
CA PRO A 41 14.44 7.85 25.88
C PRO A 41 13.91 9.06 26.65
N SER A 42 13.47 10.09 25.94
CA SER A 42 12.92 11.29 26.59
C SER A 42 11.58 11.07 27.30
N ILE A 43 10.88 9.97 26.99
CA ILE A 43 9.68 9.60 27.77
C ILE A 43 10.09 9.10 29.18
N ARG A 44 11.36 8.73 29.35
CA ARG A 44 11.94 8.38 30.64
C ARG A 44 11.21 7.22 31.34
N ASN A 45 10.58 6.37 30.53
CA ASN A 45 9.87 5.19 31.02
C ASN A 45 9.90 4.11 29.99
N SER A 46 9.56 2.90 30.40
CA SER A 46 9.54 1.78 29.46
C SER A 46 8.12 1.48 28.98
N VAL A 47 7.72 2.04 27.84
CA VAL A 47 6.34 1.84 27.34
C VAL A 47 6.24 1.14 25.95
N SER A 48 5.61 -0.03 25.94
CA SER A 48 5.44 -0.84 24.72
C SER A 48 3.99 -0.85 24.17
N LEU A 49 3.72 -0.05 23.16
CA LEU A 49 2.43 -0.14 22.45
C LEU A 49 2.35 -1.42 21.62
N VAL A 50 1.36 -2.25 21.90
CA VAL A 50 1.17 -3.51 21.19
C VAL A 50 -0.29 -3.60 20.74
N VAL A 51 -0.51 -4.19 19.57
CA VAL A 51 -1.84 -4.35 19.01
C VAL A 51 -2.31 -5.78 19.32
N VAL A 52 -3.41 -5.88 20.04
CA VAL A 52 -4.09 -7.14 20.25
C VAL A 52 -5.32 -7.31 19.36
N LYS A 53 -5.86 -6.23 18.79
CA LYS A 53 -7.10 -6.38 17.99
C LYS A 53 -7.30 -5.24 16.98
N ILE A 54 -7.95 -5.59 15.87
CA ILE A 54 -8.27 -4.65 14.82
C ILE A 54 -9.68 -4.95 14.36
N LEU A 55 -10.52 -3.92 14.37
CA LEU A 55 -11.86 -4.02 13.82
C LEU A 55 -11.96 -2.99 12.71
N VAL A 56 -12.54 -3.39 11.59
CA VAL A 56 -12.85 -2.50 10.48
C VAL A 56 -14.37 -2.45 10.35
N ILE A 57 -14.95 -1.27 10.28
CA ILE A 57 -16.37 -1.10 10.21
C ILE A 57 -16.76 -0.83 8.77
N HIS A 58 -17.42 -1.79 8.13
CA HIS A 58 -17.85 -1.61 6.74
C HIS A 58 -19.28 -1.02 6.70
N ASP A 59 -20.03 -1.15 7.79
CA ASP A 59 -21.40 -0.62 7.94
C ASP A 59 -21.55 0.32 9.16
N GLU A 60 -21.74 1.63 8.96
CA GLU A 60 -21.92 2.60 10.08
C GLU A 60 -22.57 1.95 11.27
N GLN A 61 -23.67 1.25 11.02
CA GLN A 61 -24.57 0.80 12.11
C GLN A 61 -23.93 -0.24 13.00
N LYS A 62 -22.93 -0.94 12.49
CA LYS A 62 -22.16 -1.88 13.30
C LYS A 62 -21.03 -1.24 14.12
N GLY A 63 -20.79 0.05 13.90
CA GLY A 63 -19.80 0.81 14.65
C GLY A 63 -20.48 1.98 15.30
N PRO A 64 -19.73 2.90 15.95
CA PRO A 64 -20.29 4.08 16.55
C PRO A 64 -20.60 5.11 15.46
N GLU A 65 -21.38 6.12 15.78
CA GLU A 65 -21.74 7.17 14.87
C GLU A 65 -20.58 8.16 14.87
N VAL A 66 -19.97 8.33 13.73
CA VAL A 66 -18.88 9.26 13.56
C VAL A 66 -19.45 10.55 12.96
N THR A 67 -19.32 11.65 13.67
CA THR A 67 -19.75 12.93 13.17
C THR A 67 -18.54 13.83 13.22
N SER A 68 -18.63 14.91 12.46
CA SER A 68 -17.66 15.99 12.48
C SER A 68 -17.44 16.62 13.86
N ASN A 69 -18.43 16.58 14.74
CA ASN A 69 -18.29 17.06 16.16
C ASN A 69 -17.43 16.10 16.92
N ALA A 70 -16.21 16.50 17.26
CA ALA A 70 -15.16 15.54 17.73
C ALA A 70 -15.44 14.98 19.12
N ALA A 71 -15.87 15.84 20.02
CA ALA A 71 -16.25 15.46 21.37
C ALA A 71 -17.35 14.41 21.42
N LEU A 72 -18.31 14.53 20.51
CA LEU A 72 -19.39 13.57 20.41
C LEU A 72 -18.96 12.27 19.76
N THR A 73 -18.08 12.33 18.77
CA THR A 73 -17.53 11.12 18.18
C THR A 73 -16.73 10.38 19.22
N LEU A 74 -15.90 11.07 19.98
CA LEU A 74 -15.12 10.37 21.02
C LEU A 74 -16.06 9.62 21.97
N ARG A 75 -17.18 10.28 22.29
CA ARG A 75 -18.07 9.78 23.32
C ARG A 75 -18.81 8.62 22.76
N ASN A 76 -19.24 8.74 21.50
CA ASN A 76 -19.86 7.66 20.79
C ASN A 76 -18.95 6.45 20.79
N PHE A 77 -17.67 6.70 20.47
CA PHE A 77 -16.67 5.64 20.32
C PHE A 77 -16.42 4.96 21.63
N CYS A 78 -16.20 5.75 22.68
CA CYS A 78 -15.99 5.22 24.04
C CYS A 78 -17.10 4.29 24.50
N ASN A 79 -18.35 4.72 24.39
CA ASN A 79 -19.48 3.86 24.69
C ASN A 79 -19.37 2.57 23.88
N TRP A 80 -19.21 2.72 22.57
CA TRP A 80 -19.27 1.58 21.65
C TRP A 80 -18.15 0.53 21.88
N GLN A 81 -16.93 0.98 22.14
CA GLN A 81 -15.82 0.02 22.32
C GLN A 81 -15.98 -0.93 23.54
N LYS A 82 -16.70 -0.49 24.56
CA LYS A 82 -16.98 -1.30 25.74
C LYS A 82 -17.40 -2.73 25.41
N GLN A 83 -18.45 -2.85 24.59
CA GLN A 83 -19.10 -4.13 24.29
C GLN A 83 -18.16 -5.12 23.59
N HIS A 84 -17.10 -4.61 22.97
CA HIS A 84 -16.13 -5.43 22.23
C HIS A 84 -14.88 -5.76 23.02
N ASN A 85 -14.85 -5.45 24.31
CA ASN A 85 -13.70 -5.81 25.11
C ASN A 85 -14.09 -6.98 25.96
N PRO A 86 -13.37 -8.13 25.85
CA PRO A 86 -13.44 -9.16 26.90
C PRO A 86 -13.17 -8.59 28.31
N PRO A 87 -13.99 -8.98 29.32
CA PRO A 87 -13.86 -8.63 30.75
C PRO A 87 -12.48 -8.75 31.46
N SER A 88 -11.83 -9.91 31.38
CA SER A 88 -10.54 -10.13 32.07
C SER A 88 -9.34 -10.09 31.14
N ASP A 89 -8.23 -9.50 31.61
CA ASP A 89 -7.03 -9.34 30.77
C ASP A 89 -6.32 -10.67 30.52
N ARG A 90 -6.78 -11.75 31.17
CA ARG A 90 -6.32 -13.10 30.82
C ARG A 90 -6.62 -13.40 29.34
N ASP A 91 -7.80 -12.97 28.87
CA ASP A 91 -8.13 -13.13 27.46
C ASP A 91 -7.11 -12.40 26.57
N ALA A 92 -6.80 -13.02 25.43
CA ALA A 92 -5.75 -12.59 24.51
C ALA A 92 -6.11 -11.32 23.77
N GLU A 93 -7.36 -11.24 23.33
CA GLU A 93 -7.88 -10.06 22.61
C GLU A 93 -8.42 -8.95 23.54
N HIS A 94 -8.27 -9.09 24.85
CA HIS A 94 -8.58 -8.01 25.80
C HIS A 94 -7.59 -6.83 25.66
N TYR A 95 -8.16 -5.63 25.56
CA TYR A 95 -7.37 -4.41 25.37
C TYR A 95 -7.44 -3.44 26.56
N ASP A 96 -6.31 -2.77 26.76
CA ASP A 96 -6.14 -1.68 27.70
C ASP A 96 -6.52 -0.29 27.10
N THR A 97 -6.51 -0.16 25.76
CA THR A 97 -6.89 1.08 25.10
C THR A 97 -7.42 0.80 23.68
N ALA A 98 -8.24 1.71 23.14
CA ALA A 98 -8.88 1.57 21.82
C ALA A 98 -8.73 2.91 21.07
N ILE A 99 -8.47 2.86 19.76
CA ILE A 99 -8.19 4.03 18.98
C ILE A 99 -9.04 3.96 17.78
N LEU A 100 -9.79 5.03 17.48
CA LEU A 100 -10.55 5.11 16.26
C LEU A 100 -9.90 6.07 15.31
N PHE A 101 -9.93 5.67 14.03
CA PHE A 101 -9.31 6.38 12.96
C PHE A 101 -10.41 6.66 11.97
N THR A 102 -10.53 7.90 11.51
CA THR A 102 -11.60 8.26 10.54
C THR A 102 -11.10 9.27 9.50
N ARG A 103 -11.68 9.23 8.29
CA ARG A 103 -11.33 10.21 7.25
C ARG A 103 -12.10 11.50 7.45
N GLN A 104 -13.14 11.48 8.29
CA GLN A 104 -14.01 12.63 8.50
C GLN A 104 -13.19 13.71 9.19
N ASP A 105 -13.34 14.95 8.76
CA ASP A 105 -12.59 16.06 9.37
C ASP A 105 -13.33 16.47 10.64
N LEU A 106 -12.61 16.43 11.77
CA LEU A 106 -13.14 16.65 13.10
C LEU A 106 -13.07 18.11 13.46
N CYS A 107 -14.02 18.59 14.27
CA CYS A 107 -14.11 20.02 14.58
C CYS A 107 -14.32 20.28 16.06
N GLY A 108 -13.80 21.41 16.52
CA GLY A 108 -14.11 21.91 17.86
C GLY A 108 -15.40 22.70 17.78
N SER A 109 -15.64 23.56 18.77
CA SER A 109 -16.81 24.47 18.69
C SER A 109 -16.65 25.59 17.66
N GLN A 110 -15.42 25.75 17.17
CA GLN A 110 -14.90 27.04 16.69
C GLN A 110 -14.20 26.97 15.33
N THR A 111 -13.62 25.82 15.01
CA THR A 111 -12.96 25.55 13.72
C THR A 111 -12.84 24.04 13.57
N CYS A 112 -12.59 23.58 12.34
CA CYS A 112 -12.36 22.19 12.04
C CYS A 112 -10.86 21.91 11.94
N ASP A 113 -10.08 22.51 12.83
CA ASP A 113 -8.64 22.27 12.88
C ASP A 113 -8.31 21.13 13.87
N THR A 114 -9.30 20.61 14.57
CA THR A 114 -9.13 19.41 15.38
C THR A 114 -8.54 18.25 14.55
N LEU A 115 -7.53 17.59 15.10
CA LEU A 115 -6.85 16.46 14.48
C LEU A 115 -7.08 15.17 15.25
N GLY A 116 -7.47 15.25 16.50
CA GLY A 116 -7.74 14.06 17.28
C GLY A 116 -8.33 14.46 18.61
N MET A 117 -8.59 13.49 19.48
CA MET A 117 -9.38 13.73 20.68
C MET A 117 -9.10 12.64 21.73
N ALA A 118 -8.93 13.03 22.98
CA ALA A 118 -8.99 12.09 24.08
C ALA A 118 -9.09 12.82 25.42
N ASP A 119 -9.59 12.13 26.46
CA ASP A 119 -9.63 12.66 27.82
C ASP A 119 -8.33 12.31 28.49
N VAL A 120 -8.05 12.96 29.60
CA VAL A 120 -6.73 12.84 30.25
C VAL A 120 -6.84 11.87 31.41
N GLY A 121 -5.86 10.97 31.54
CA GLY A 121 -5.72 10.08 32.69
C GLY A 121 -6.57 8.82 32.68
N THR A 122 -6.87 8.26 31.50
CA THR A 122 -7.94 7.22 31.38
C THR A 122 -7.46 5.77 31.09
N VAL A 123 -6.16 5.57 30.99
CA VAL A 123 -5.59 4.38 30.37
C VAL A 123 -6.07 3.02 30.95
N CYS A 124 -6.32 2.91 32.26
CA CYS A 124 -6.82 1.63 32.80
C CYS A 124 -8.28 1.70 33.25
N ASP A 125 -9.03 2.64 32.68
CA ASP A 125 -10.45 2.72 32.85
C ASP A 125 -11.09 2.27 31.55
N PRO A 126 -11.61 1.03 31.51
CA PRO A 126 -12.14 0.39 30.27
C PRO A 126 -13.21 1.14 29.51
N SER A 127 -13.88 2.08 30.18
CA SER A 127 -14.99 2.82 29.58
C SER A 127 -14.60 4.23 29.18
N ARG A 128 -13.34 4.62 29.43
CA ARG A 128 -12.87 5.97 29.09
C ARG A 128 -11.56 5.95 28.35
N SER A 129 -10.96 4.78 28.17
CA SER A 129 -9.62 4.65 27.59
C SER A 129 -9.64 4.58 26.09
N CYS A 130 -9.86 5.71 25.43
CA CYS A 130 -10.10 5.79 23.99
C CYS A 130 -9.55 7.05 23.39
N SER A 131 -9.47 7.08 22.05
CA SER A 131 -9.07 8.29 21.30
C SER A 131 -9.62 8.18 19.93
N VAL A 132 -9.81 9.32 19.27
CA VAL A 132 -10.26 9.33 17.88
C VAL A 132 -9.21 10.13 17.15
N ILE A 133 -8.81 9.62 15.99
CA ILE A 133 -7.75 10.23 15.21
C ILE A 133 -8.29 10.53 13.82
N GLU A 134 -8.20 11.78 13.39
CA GLU A 134 -8.51 12.10 12.02
C GLU A 134 -7.38 11.70 11.10
N ASP A 135 -7.65 10.87 10.09
CA ASP A 135 -6.60 10.47 9.14
C ASP A 135 -6.48 11.45 7.97
N ASP A 136 -5.46 12.30 8.01
CA ASP A 136 -5.13 13.27 6.98
C ASP A 136 -3.76 12.92 6.43
N GLY A 137 -3.37 11.66 6.56
CA GLY A 137 -2.07 11.23 6.11
C GLY A 137 -1.19 10.65 7.19
N LEU A 138 0.08 10.42 6.84
CA LEU A 138 0.99 9.67 7.70
C LEU A 138 1.29 10.37 9.00
N GLN A 139 1.19 11.69 8.99
CA GLN A 139 1.37 12.48 10.23
C GLN A 139 0.36 12.13 11.34
N ALA A 140 -0.69 11.39 11.00
CA ALA A 140 -1.68 10.91 12.00
C ALA A 140 -1.04 9.93 12.99
N ALA A 141 0.15 9.43 12.66
CA ALA A 141 0.99 8.69 13.64
C ALA A 141 1.36 9.54 14.86
N PHE A 142 1.57 10.83 14.67
CA PHE A 142 1.98 11.74 15.75
C PHE A 142 0.77 12.24 16.50
N THR A 143 -0.32 12.42 15.78
CA THR A 143 -1.61 12.62 16.45
C THR A 143 -1.92 11.44 17.35
N THR A 144 -1.74 10.22 16.85
CA THR A 144 -2.01 9.03 17.61
C THR A 144 -1.23 9.07 18.95
N ALA A 145 0.07 9.40 18.89
CA ALA A 145 0.93 9.47 20.11
C ALA A 145 0.60 10.62 21.04
N HIS A 146 0.14 11.73 20.50
CA HIS A 146 -0.29 12.91 21.30
C HIS A 146 -1.51 12.54 22.13
N GLU A 147 -2.52 12.04 21.45
CA GLU A 147 -3.76 11.63 22.12
C GLU A 147 -3.45 10.51 23.11
N LEU A 148 -2.60 9.55 22.73
CA LEU A 148 -2.21 8.54 23.71
C LEU A 148 -1.50 9.18 24.89
N GLY A 149 -0.74 10.24 24.61
CA GLY A 149 -0.22 11.08 25.69
C GLY A 149 -1.32 11.59 26.61
N HIS A 150 -2.45 12.06 26.07
CA HIS A 150 -3.49 12.49 27.01
C HIS A 150 -3.87 11.33 27.89
N VAL A 151 -4.13 10.19 27.26
CA VAL A 151 -4.64 9.01 27.95
C VAL A 151 -3.72 8.64 29.14
N PHE A 152 -2.43 8.90 28.99
CA PHE A 152 -1.40 8.63 30.02
C PHE A 152 -1.19 9.72 31.04
N ASN A 153 -2.10 10.69 31.03
CA ASN A 153 -2.15 11.78 31.99
C ASN A 153 -1.27 12.97 31.65
N MET A 154 -0.86 13.08 30.37
CA MET A 154 -0.01 14.19 29.96
C MET A 154 -0.89 15.37 29.60
N PRO A 155 -0.64 16.53 30.22
CA PRO A 155 -1.29 17.72 29.74
C PRO A 155 -0.46 18.31 28.61
N HIS A 156 -1.02 19.31 27.96
CA HIS A 156 -0.29 20.11 27.02
C HIS A 156 0.82 20.86 27.70
N ASP A 157 1.90 21.04 26.97
CA ASP A 157 3.12 21.65 27.49
C ASP A 157 3.01 23.13 27.82
N ASP A 158 1.85 23.76 27.55
CA ASP A 158 1.56 25.13 28.04
C ASP A 158 0.69 25.19 29.28
N ALA A 159 0.27 24.03 29.80
CA ALA A 159 -0.43 23.97 31.08
C ALA A 159 0.43 24.59 32.16
N LYS A 160 -0.20 25.29 33.10
CA LYS A 160 0.55 25.95 34.16
C LYS A 160 1.35 24.99 35.03
N GLN A 161 0.87 23.77 35.21
CA GLN A 161 1.65 22.76 35.92
C GLN A 161 2.97 22.43 35.22
N CYS A 162 3.08 22.73 33.92
CA CYS A 162 4.35 22.50 33.21
C CYS A 162 5.37 23.66 33.29
N ALA A 163 4.97 24.79 33.88
CA ALA A 163 5.86 25.95 34.04
C ALA A 163 7.21 25.57 34.61
N SER A 164 7.20 24.95 35.78
CA SER A 164 8.43 24.54 36.50
C SER A 164 9.47 23.71 35.72
N LEU A 165 8.99 22.98 34.71
CA LEU A 165 9.74 21.87 34.09
C LEU A 165 10.23 22.10 32.65
N ASN A 166 9.47 22.88 31.88
CA ASN A 166 9.76 23.11 30.47
C ASN A 166 10.60 24.37 30.21
N ASP A 171 6.47 24.61 23.23
CA ASP A 171 5.75 24.53 21.94
C ASP A 171 6.37 23.52 20.95
N SER A 172 7.55 22.96 21.26
CA SER A 172 8.32 22.14 20.28
C SER A 172 8.37 20.63 20.57
N HIS A 173 7.47 20.16 21.43
CA HIS A 173 7.44 18.76 21.81
C HIS A 173 6.12 18.13 21.44
N MET A 174 6.02 16.84 21.70
CA MET A 174 4.82 16.07 21.41
C MET A 174 3.53 16.67 21.95
N MET A 175 3.59 17.27 23.15
CA MET A 175 2.36 17.71 23.79
C MET A 175 2.07 19.19 23.68
N ALA A 176 2.63 19.84 22.66
CA ALA A 176 2.27 21.20 22.27
C ALA A 176 0.75 21.35 22.14
N SER A 177 0.24 22.52 22.47
CA SER A 177 -1.22 22.75 22.47
C SER A 177 -1.78 22.95 21.05
N MET A 178 -0.88 23.21 20.12
CA MET A 178 -1.23 23.41 18.74
C MET A 178 -0.14 22.80 17.92
N LEU A 179 -0.42 22.62 16.64
CA LEU A 179 0.50 21.95 15.74
C LEU A 179 1.63 22.93 15.50
N SER A 180 2.84 22.43 15.70
CA SER A 180 4.03 23.22 15.55
C SER A 180 5.16 22.27 15.20
N ASN A 181 6.38 22.79 15.11
CA ASN A 181 7.49 21.98 14.67
C ASN A 181 8.00 21.09 15.80
N LEU A 182 7.82 19.78 15.67
CA LEU A 182 8.32 18.84 16.66
C LEU A 182 9.85 18.86 16.66
N ASP A 183 10.43 18.64 17.83
CA ASP A 183 11.87 18.47 17.99
C ASP A 183 12.15 17.00 17.99
N HIS A 184 12.48 16.46 16.83
CA HIS A 184 12.64 15.01 16.68
C HIS A 184 13.86 14.47 17.44
N SER A 185 14.75 15.36 17.90
CA SER A 185 15.85 14.96 18.76
C SER A 185 15.37 14.74 20.21
N GLN A 186 14.42 15.55 20.67
CA GLN A 186 13.75 15.33 21.97
C GLN A 186 12.20 15.48 21.88
N PRO A 187 11.50 14.39 21.49
CA PRO A 187 10.04 14.36 21.27
C PRO A 187 9.19 14.76 22.48
N TRP A 188 9.49 14.18 23.63
CA TRP A 188 8.75 14.46 24.85
C TRP A 188 9.45 15.52 25.68
N SER A 189 8.67 16.45 26.20
CA SER A 189 9.15 17.50 27.08
C SER A 189 9.44 16.89 28.45
N PRO A 190 10.19 17.64 29.29
CA PRO A 190 10.32 17.28 30.69
C PRO A 190 8.97 17.12 31.36
N CYS A 191 8.01 17.99 31.03
CA CYS A 191 6.65 17.92 31.63
C CYS A 191 5.99 16.59 31.32
N SER A 192 5.88 16.27 30.04
CA SER A 192 5.32 14.98 29.63
C SER A 192 6.02 13.84 30.40
N ALA A 193 7.34 13.85 30.36
CA ALA A 193 8.16 12.89 31.10
C ALA A 193 7.73 12.73 32.56
N TYR A 194 7.55 13.86 33.26
CA TYR A 194 7.16 13.84 34.67
C TYR A 194 5.71 13.38 34.88
N MET A 195 4.79 13.84 34.04
CA MET A 195 3.36 13.61 34.26
C MET A 195 3.01 12.16 34.02
N ILE A 196 3.65 11.51 33.05
CA ILE A 196 3.46 10.08 32.91
C ILE A 196 4.09 9.30 34.08
N THR A 197 5.25 9.76 34.57
CA THR A 197 6.01 9.08 35.61
C THR A 197 5.22 9.09 36.90
N SER A 198 4.87 10.28 37.36
CA SER A 198 3.91 10.49 38.45
C SER A 198 2.71 9.53 38.43
N PHE A 199 2.05 9.46 37.28
CA PHE A 199 0.84 8.64 37.09
C PHE A 199 1.12 7.18 37.41
N LEU A 200 2.24 6.66 36.88
CA LEU A 200 2.61 5.25 37.09
C LEU A 200 3.13 5.02 38.53
N ASP A 201 3.88 5.97 39.05
CA ASP A 201 4.32 5.93 40.46
C ASP A 201 3.12 5.98 41.44
N ASN A 202 2.03 6.61 40.99
CA ASN A 202 0.77 6.65 41.72
C ASN A 202 -0.13 5.42 41.50
N GLY A 203 0.42 4.43 40.81
CA GLY A 203 -0.26 3.14 40.66
C GLY A 203 -1.18 2.94 39.47
N HIS A 204 -1.34 3.96 38.63
CA HIS A 204 -2.33 3.94 37.51
C HIS A 204 -1.89 3.26 36.23
N GLY A 205 -0.77 2.53 36.26
CA GLY A 205 -0.47 1.66 35.09
C GLY A 205 -0.92 0.21 35.19
N GLU A 206 -1.46 -0.21 36.35
CA GLU A 206 -1.80 -1.61 36.67
C GLU A 206 -2.23 -2.58 35.56
N CYS A 207 -3.02 -2.13 34.60
CA CYS A 207 -3.49 -3.03 33.56
C CYS A 207 -2.43 -3.19 32.43
N LEU A 208 -1.42 -2.32 32.49
CA LEU A 208 -0.28 -2.32 31.58
C LEU A 208 0.84 -3.28 31.95
N MET A 209 0.66 -4.09 33.00
CA MET A 209 1.73 -4.98 33.47
C MET A 209 1.78 -6.33 32.77
N ASP A 210 0.66 -6.79 32.21
CA ASP A 210 0.62 -8.07 31.54
C ASP A 210 1.04 -7.98 30.08
N LYS A 211 1.81 -8.98 29.66
CA LYS A 211 2.26 -9.11 28.31
C LYS A 211 1.14 -9.64 27.43
N PRO A 212 1.14 -9.21 26.15
CA PRO A 212 0.15 -9.66 25.18
C PRO A 212 0.44 -11.06 24.66
N GLN A 213 -0.64 -11.80 24.41
CA GLN A 213 -0.57 -13.15 23.85
C GLN A 213 -0.70 -13.07 22.31
N ASN A 214 0.36 -13.46 21.61
CA ASN A 214 0.40 -13.32 20.16
C ASN A 214 -0.19 -11.97 19.64
N PRO A 215 0.55 -10.87 19.90
CA PRO A 215 0.23 -9.56 19.36
C PRO A 215 0.41 -9.50 17.84
N ILE A 216 -0.32 -8.60 17.19
CA ILE A 216 -0.29 -8.42 15.75
C ILE A 216 1.04 -7.72 15.46
N GLN A 217 1.88 -8.36 14.64
CA GLN A 217 3.23 -7.88 14.35
C GLN A 217 3.12 -6.51 13.72
N LEU A 218 3.91 -5.56 14.20
CA LEU A 218 3.99 -4.24 13.58
C LEU A 218 5.10 -4.24 12.55
N PRO A 219 4.90 -3.52 11.44
CA PRO A 219 5.96 -3.37 10.46
C PRO A 219 7.23 -2.75 11.05
N GLY A 220 8.37 -3.36 10.72
CA GLY A 220 9.66 -2.91 11.21
C GLY A 220 10.45 -2.17 10.15
N ASP A 221 9.86 -1.95 8.98
CA ASP A 221 10.49 -1.14 7.95
C ASP A 221 10.08 0.31 8.26
N LEU A 222 10.59 1.27 7.49
CA LEU A 222 10.28 2.67 7.71
C LEU A 222 9.01 3.01 6.95
N PRO A 223 8.25 4.00 7.45
CA PRO A 223 6.96 4.27 6.80
C PRO A 223 7.14 4.64 5.32
N GLY A 224 8.24 5.32 4.98
CA GLY A 224 8.56 5.61 3.59
C GLY A 224 8.83 4.40 2.68
N THR A 225 9.27 3.29 3.27
CA THR A 225 9.41 2.01 2.55
C THR A 225 8.10 1.44 1.97
N SER A 226 6.99 1.47 2.73
CA SER A 226 5.72 0.94 2.24
C SER A 226 5.10 1.92 1.31
N TYR A 227 5.32 3.20 1.61
CA TYR A 227 4.58 4.31 1.03
C TYR A 227 5.52 5.32 0.40
N ASP A 228 5.44 5.46 -0.91
CA ASP A 228 6.30 6.41 -1.59
C ASP A 228 5.58 7.76 -1.65
N ALA A 229 6.28 8.78 -2.15
CA ALA A 229 5.79 10.15 -2.13
C ALA A 229 4.42 10.31 -2.77
N ASN A 230 4.13 9.54 -3.82
CA ASN A 230 2.80 9.65 -4.44
C ASN A 230 1.71 9.13 -3.51
N ARG A 231 2.05 8.07 -2.79
CA ARG A 231 1.13 7.48 -1.84
C ARG A 231 0.89 8.48 -0.73
N GLN A 232 1.96 9.00 -0.16
CA GLN A 232 1.87 10.02 0.86
C GLN A 232 0.92 11.18 0.45
N CYS A 233 1.09 11.68 -0.77
CA CYS A 233 0.25 12.75 -1.28
C CYS A 233 -1.20 12.38 -1.37
N GLN A 234 -1.46 11.18 -1.85
CA GLN A 234 -2.81 10.62 -1.91
C GLN A 234 -3.50 10.46 -0.55
N PHE A 235 -2.73 10.05 0.47
CA PHE A 235 -3.28 9.95 1.84
C PHE A 235 -3.73 11.29 2.37
N THR A 236 -3.07 12.35 1.92
CA THR A 236 -3.46 13.68 2.35
C THR A 236 -4.48 14.31 1.45
N PHE A 237 -4.30 14.28 0.15
CA PHE A 237 -5.15 15.07 -0.74
C PHE A 237 -6.11 14.27 -1.61
N GLY A 238 -6.28 12.98 -1.35
CA GLY A 238 -7.22 12.16 -2.14
C GLY A 238 -6.51 11.43 -3.27
N GLU A 239 -7.15 10.40 -3.82
CA GLU A 239 -6.45 9.48 -4.72
C GLU A 239 -5.98 10.11 -6.02
N ASP A 240 -6.62 11.20 -6.43
CA ASP A 240 -6.22 11.93 -7.64
C ASP A 240 -4.94 12.74 -7.50
N SER A 241 -4.39 12.84 -6.28
CA SER A 241 -3.22 13.65 -6.03
C SER A 241 -1.97 12.85 -6.22
N LYS A 242 -0.92 13.44 -6.76
CA LYS A 242 0.38 12.76 -6.82
C LYS A 242 1.45 13.66 -6.25
N HIS A 243 2.67 13.17 -6.16
CA HIS A 243 3.78 14.00 -5.74
C HIS A 243 4.01 15.13 -6.74
N CYS A 244 4.43 16.28 -6.23
CA CYS A 244 4.72 17.44 -7.06
C CYS A 244 6.15 17.31 -7.58
N PRO A 245 6.32 17.35 -8.91
CA PRO A 245 5.42 17.92 -9.92
C PRO A 245 4.43 16.91 -10.50
N THR A 250 13.87 18.45 -1.85
CA THR A 250 13.02 17.32 -1.51
C THR A 250 13.13 16.98 -0.02
N CYS A 251 12.38 15.98 0.44
CA CYS A 251 12.26 15.57 1.88
C CYS A 251 11.67 16.57 2.88
N SER A 252 12.12 17.82 2.83
CA SER A 252 11.77 18.81 3.85
C SER A 252 10.28 19.13 3.88
N THR A 253 9.66 19.21 2.71
CA THR A 253 8.24 19.53 2.57
C THR A 253 7.64 18.71 1.46
N LEU A 254 6.59 17.96 1.76
CA LEU A 254 5.91 17.17 0.75
C LEU A 254 4.88 18.03 -0.01
N TRP A 255 5.16 18.37 -1.27
CA TRP A 255 4.21 19.08 -2.13
C TRP A 255 3.46 18.09 -3.01
N CYS A 256 2.21 18.38 -3.31
CA CYS A 256 1.28 17.41 -3.91
C CYS A 256 0.38 18.11 -4.86
N THR A 257 -0.14 17.43 -5.88
CA THR A 257 -0.90 18.11 -6.91
C THR A 257 -2.33 18.39 -6.52
N GLY A 258 -2.94 19.33 -7.26
CA GLY A 258 -4.32 19.78 -7.05
C GLY A 258 -5.02 20.09 -8.37
N VAL A 263 -1.41 25.61 -16.16
CA VAL A 263 -1.05 25.89 -14.77
C VAL A 263 -1.10 24.65 -13.87
N LEU A 264 0.08 24.08 -13.64
CA LEU A 264 0.27 23.13 -12.57
C LEU A 264 -0.07 23.81 -11.24
N VAL A 265 -0.98 23.18 -10.47
CA VAL A 265 -1.33 23.63 -9.12
C VAL A 265 -0.89 22.57 -8.12
N CYS A 266 -0.10 23.00 -7.14
CA CYS A 266 0.42 22.11 -6.12
C CYS A 266 0.08 22.64 -4.72
N GLN A 267 -0.02 21.74 -3.76
CA GLN A 267 -0.44 22.10 -2.41
C GLN A 267 0.38 21.33 -1.41
N THR A 268 0.55 21.89 -0.21
CA THR A 268 1.19 21.18 0.93
C THR A 268 0.45 21.45 2.25
N LYS A 269 0.66 20.58 3.23
CA LYS A 269 0.36 20.86 4.64
C LYS A 269 1.63 21.05 5.49
N HIS A 270 2.77 21.24 4.83
CA HIS A 270 4.02 21.62 5.50
C HIS A 270 4.81 20.54 6.24
N PHE A 271 4.41 19.29 6.05
CA PHE A 271 5.07 18.14 6.66
C PHE A 271 6.15 17.60 5.75
N PRO A 272 7.22 17.07 6.35
CA PRO A 272 8.27 16.47 5.56
C PRO A 272 7.82 15.14 5.01
N TRP A 273 8.59 14.55 4.09
CA TRP A 273 8.25 13.25 3.54
C TRP A 273 8.48 12.28 4.68
N ALA A 274 7.70 11.21 4.72
CA ALA A 274 7.89 10.18 5.72
C ALA A 274 9.33 9.66 5.65
N ASP A 275 9.91 9.39 6.81
CA ASP A 275 11.23 8.79 6.87
C ASP A 275 11.23 7.51 6.06
N GLY A 276 12.31 7.28 5.32
CA GLY A 276 12.45 6.09 4.48
C GLY A 276 11.93 6.31 3.08
N THR A 277 11.41 7.50 2.80
CA THR A 277 10.86 7.78 1.46
C THR A 277 11.96 7.90 0.40
N SER A 278 11.81 7.14 -0.67
CA SER A 278 12.76 7.22 -1.77
C SER A 278 12.91 8.67 -2.29
N CYS A 279 14.14 9.21 -2.27
CA CYS A 279 14.45 10.51 -2.89
C CYS A 279 15.56 10.39 -3.93
N GLY A 280 15.52 9.31 -4.69
CA GLY A 280 16.55 9.03 -5.67
C GLY A 280 17.19 7.68 -5.41
N GLU A 281 17.88 7.20 -6.43
CA GLU A 281 18.58 5.93 -6.40
C GLU A 281 19.59 5.89 -5.25
N GLY A 282 19.37 4.96 -4.31
CA GLY A 282 20.28 4.73 -3.19
C GLY A 282 20.21 5.75 -2.06
N LYS A 283 19.23 6.65 -2.14
CA LYS A 283 19.02 7.65 -1.11
C LYS A 283 17.56 7.62 -0.61
N TRP A 284 17.37 8.04 0.63
CA TRP A 284 16.05 8.19 1.18
C TRP A 284 15.97 9.26 2.28
N CYS A 285 14.76 9.74 2.54
CA CYS A 285 14.54 10.84 3.48
C CYS A 285 14.69 10.31 4.90
N ILE A 286 15.47 11.02 5.70
CA ILE A 286 15.56 10.76 7.14
C ILE A 286 15.48 12.11 7.88
N ASN A 287 14.50 12.24 8.76
CA ASN A 287 14.15 13.49 9.43
C ASN A 287 14.27 14.74 8.53
N GLY A 288 13.53 14.70 7.43
CA GLY A 288 13.44 15.84 6.51
C GLY A 288 14.62 16.02 5.58
N LYS A 289 15.56 15.07 5.60
CA LYS A 289 16.78 15.19 4.80
C LYS A 289 16.98 13.93 3.94
N CYS A 290 17.37 14.16 2.68
CA CYS A 290 17.68 13.11 1.71
C CYS A 290 19.11 12.64 1.95
N VAL A 291 19.26 11.36 2.29
CA VAL A 291 20.55 10.81 2.67
C VAL A 291 20.71 9.38 2.12
N ASN A 292 21.94 9.04 1.77
CA ASN A 292 22.32 7.68 1.37
C ASN A 292 21.75 6.63 2.33
N LYS A 293 21.10 5.61 1.78
CA LYS A 293 20.54 4.50 2.57
C LYS A 293 21.60 3.78 3.39
N LEU A 294 22.82 3.65 2.86
CA LEU A 294 23.92 2.97 3.54
C LEU A 294 24.66 3.97 4.44
N VAL A 295 24.73 3.67 5.74
CA VAL A 295 25.30 4.58 6.75
C VAL A 295 26.69 4.12 7.26
N PRO A 296 27.51 5.06 7.79
CA PRO A 296 28.91 4.74 8.17
C PRO A 296 29.11 4.33 9.64
N SER B 1 18.81 -0.23 -32.04
CA SER B 1 17.91 0.96 -31.92
C SER B 1 16.72 0.60 -31.03
N HIS B 2 16.57 1.32 -29.92
CA HIS B 2 15.75 0.82 -28.81
C HIS B 2 14.24 0.95 -29.04
N ARG B 3 13.50 -0.07 -28.61
CA ARG B 3 12.04 -0.09 -28.69
C ARG B 3 11.45 0.40 -27.36
N TYR B 4 10.37 1.20 -27.46
CA TYR B 4 9.67 1.76 -26.30
C TYR B 4 8.16 1.53 -26.43
N VAL B 5 7.63 0.58 -25.64
CA VAL B 5 6.21 0.23 -25.70
C VAL B 5 5.42 1.18 -24.82
N GLU B 6 4.55 1.97 -25.45
CA GLU B 6 3.76 2.96 -24.73
C GLU B 6 2.43 2.39 -24.34
N THR B 7 2.17 2.40 -23.04
CA THR B 7 1.11 1.61 -22.48
C THR B 7 0.15 2.45 -21.61
N MET B 8 -1.14 2.30 -21.88
CA MET B 8 -2.17 2.79 -20.98
C MET B 8 -2.76 1.66 -20.14
N LEU B 9 -2.74 1.84 -18.83
CA LEU B 9 -3.32 0.85 -17.91
C LEU B 9 -4.75 1.28 -17.57
N VAL B 10 -5.69 0.34 -17.64
CA VAL B 10 -7.10 0.63 -17.29
C VAL B 10 -7.52 -0.30 -16.15
N ALA B 11 -8.16 0.28 -15.13
CA ALA B 11 -8.61 -0.48 -13.94
C ALA B 11 -10.10 -0.25 -13.75
N ASP B 12 -10.88 -1.32 -13.71
CA ASP B 12 -12.32 -1.17 -13.61
C ASP B 12 -12.76 -0.92 -12.15
N GLN B 13 -14.09 -0.98 -11.95
CA GLN B 13 -14.78 -0.69 -10.70
C GLN B 13 -14.33 -1.62 -9.59
N SER B 14 -14.35 -2.91 -9.90
CA SER B 14 -13.92 -3.96 -8.99
C SER B 14 -12.56 -3.64 -8.40
N MET B 15 -11.64 -3.15 -9.23
CA MET B 15 -10.30 -2.79 -8.78
C MET B 15 -10.34 -1.57 -7.87
N ALA B 16 -11.10 -0.54 -8.27
CA ALA B 16 -11.41 0.65 -7.42
C ALA B 16 -11.83 0.32 -5.98
N GLU B 17 -12.99 -0.32 -5.82
CA GLU B 17 -13.46 -0.75 -4.49
C GLU B 17 -12.42 -1.53 -3.72
N PHE B 18 -11.81 -2.51 -4.37
CA PHE B 18 -10.94 -3.46 -3.68
C PHE B 18 -9.66 -2.79 -3.23
N HIS B 19 -9.05 -2.06 -4.14
CA HIS B 19 -7.76 -1.48 -3.89
C HIS B 19 -7.86 -0.07 -3.31
N GLY B 20 -9.03 0.55 -3.44
CA GLY B 20 -9.21 1.90 -2.98
C GLY B 20 -8.08 2.79 -3.49
N SER B 21 -7.59 3.68 -2.62
CA SER B 21 -6.61 4.68 -3.07
C SER B 21 -5.30 4.05 -3.59
N GLY B 22 -5.06 2.80 -3.23
CA GLY B 22 -3.78 2.16 -3.45
C GLY B 22 -3.62 1.57 -4.83
N LEU B 23 -4.70 1.56 -5.60
CA LEU B 23 -4.70 1.03 -6.93
C LEU B 23 -3.48 1.45 -7.78
N LYS B 24 -3.31 2.73 -8.07
CA LYS B 24 -2.22 3.15 -8.93
C LYS B 24 -0.88 2.47 -8.61
N HIS B 25 -0.42 2.50 -7.36
CA HIS B 25 0.89 1.88 -7.04
C HIS B 25 0.85 0.38 -7.30
N TYR B 26 -0.34 -0.23 -7.33
CA TYR B 26 -0.50 -1.65 -7.55
C TYR B 26 -0.33 -1.96 -9.03
N LEU B 27 -1.01 -1.21 -9.87
CA LEU B 27 -0.85 -1.37 -11.31
C LEU B 27 0.59 -1.15 -11.73
N LEU B 28 1.26 -0.19 -11.13
CA LEU B 28 2.64 0.16 -11.52
C LEU B 28 3.68 -0.84 -11.02
N THR B 29 3.39 -1.45 -9.87
CA THR B 29 4.20 -2.58 -9.38
C THR B 29 4.01 -3.80 -10.30
N LEU B 30 2.75 -4.07 -10.68
CA LEU B 30 2.45 -5.16 -11.60
C LEU B 30 3.26 -4.95 -12.86
N PHE B 31 3.00 -3.83 -13.52
CA PHE B 31 3.67 -3.48 -14.76
C PHE B 31 5.20 -3.43 -14.68
N SER B 32 5.76 -2.94 -13.58
CA SER B 32 7.22 -2.85 -13.45
C SER B 32 7.95 -4.21 -13.45
N VAL B 33 7.38 -5.22 -12.79
CA VAL B 33 7.83 -6.60 -12.86
C VAL B 33 7.90 -7.09 -14.30
N ALA B 34 6.80 -6.87 -15.04
CA ALA B 34 6.70 -7.22 -16.47
C ALA B 34 7.76 -6.55 -17.38
N ALA B 35 8.15 -5.32 -17.02
CA ALA B 35 9.10 -4.53 -17.80
C ALA B 35 10.54 -5.01 -17.58
N ARG B 36 10.81 -5.51 -16.39
CA ARG B 36 12.08 -6.19 -16.12
C ARG B 36 12.14 -7.42 -16.98
N LEU B 37 11.08 -8.23 -16.90
CA LEU B 37 10.99 -9.47 -17.68
C LEU B 37 11.29 -9.22 -19.16
N TYR B 38 10.69 -8.18 -19.73
CA TYR B 38 10.98 -7.76 -21.12
C TYR B 38 12.35 -7.09 -21.33
N LYS B 39 13.21 -7.13 -20.32
CA LYS B 39 14.61 -6.68 -20.42
C LYS B 39 15.59 -7.82 -20.26
N HIS B 40 15.16 -8.91 -19.62
CA HIS B 40 15.99 -10.11 -19.44
C HIS B 40 16.64 -10.52 -20.76
N PRO B 41 17.93 -10.94 -20.71
CA PRO B 41 18.61 -11.35 -21.95
C PRO B 41 17.84 -12.42 -22.72
N SER B 42 17.36 -13.46 -22.04
CA SER B 42 16.64 -14.58 -22.67
C SER B 42 15.66 -14.18 -23.78
N ILE B 43 15.02 -13.02 -23.66
CA ILE B 43 14.19 -12.50 -24.75
C ILE B 43 15.05 -12.14 -25.98
N ARG B 44 16.32 -11.84 -25.76
CA ARG B 44 17.34 -11.63 -26.82
C ARG B 44 17.21 -10.27 -27.52
N ASN B 45 16.19 -9.48 -27.15
CA ASN B 45 16.02 -8.09 -27.61
C ASN B 45 15.87 -7.11 -26.43
N SER B 46 14.95 -6.16 -26.56
CA SER B 46 15.15 -4.83 -25.97
C SER B 46 13.87 -4.00 -25.85
N VAL B 47 12.72 -4.64 -25.64
CA VAL B 47 11.47 -3.90 -25.54
C VAL B 47 11.42 -3.24 -24.15
N SER B 48 11.27 -1.92 -24.15
CA SER B 48 11.18 -1.13 -22.92
C SER B 48 9.74 -0.71 -22.70
N LEU B 49 9.08 -1.31 -21.70
CA LEU B 49 7.67 -1.02 -21.43
C LEU B 49 7.57 0.27 -20.66
N VAL B 50 6.63 1.11 -21.05
CA VAL B 50 6.50 2.41 -20.42
C VAL B 50 5.04 2.83 -20.30
N VAL B 51 4.74 3.47 -19.17
CA VAL B 51 3.40 3.93 -18.90
C VAL B 51 3.31 5.43 -19.20
N VAL B 52 2.39 5.78 -20.09
CA VAL B 52 2.13 7.16 -20.42
C VAL B 52 0.74 7.62 -19.99
N LYS B 53 -0.06 6.71 -19.42
CA LYS B 53 -1.46 6.99 -19.10
C LYS B 53 -2.08 5.93 -18.16
N ILE B 54 -2.89 6.38 -17.19
CA ILE B 54 -3.73 5.49 -16.37
C ILE B 54 -5.20 5.97 -16.40
N LEU B 55 -6.15 5.04 -16.51
CA LEU B 55 -7.59 5.38 -16.51
C LEU B 55 -8.44 4.54 -15.55
N VAL B 56 -8.45 4.94 -14.28
CA VAL B 56 -9.27 4.31 -13.23
C VAL B 56 -10.76 4.57 -13.46
N ILE B 57 -11.60 3.61 -13.09
CA ILE B 57 -13.05 3.64 -13.39
C ILE B 57 -13.95 3.52 -12.14
N HIS B 58 -14.12 4.63 -11.44
CA HIS B 58 -14.98 4.68 -10.26
C HIS B 58 -16.43 4.59 -10.67
N ASP B 59 -16.77 5.36 -11.70
CA ASP B 59 -18.08 5.32 -12.33
C ASP B 59 -18.03 4.25 -13.42
N GLU B 60 -18.67 3.11 -13.15
CA GLU B 60 -18.56 1.91 -14.01
C GLU B 60 -19.25 2.04 -15.37
N GLN B 61 -19.68 3.25 -15.70
CA GLN B 61 -20.30 3.50 -16.99
C GLN B 61 -19.59 4.60 -17.76
N LYS B 62 -18.42 5.02 -17.28
CA LYS B 62 -17.48 5.79 -18.09
C LYS B 62 -16.37 4.87 -18.64
N GLY B 63 -16.44 3.58 -18.29
CA GLY B 63 -15.50 2.55 -18.76
C GLY B 63 -16.15 1.53 -19.69
N PRO B 64 -15.56 0.33 -19.79
CA PRO B 64 -16.14 -0.78 -20.56
C PRO B 64 -17.09 -1.69 -19.78
N GLU B 65 -17.50 -2.77 -20.44
CA GLU B 65 -18.52 -3.72 -19.97
C GLU B 65 -17.84 -5.06 -19.64
N VAL B 66 -17.73 -5.37 -18.35
CA VAL B 66 -16.96 -6.53 -17.86
C VAL B 66 -17.84 -7.69 -17.30
N THR B 67 -18.02 -8.72 -18.13
CA THR B 67 -18.56 -10.03 -17.72
C THR B 67 -17.44 -11.05 -17.60
N SER B 68 -17.72 -12.17 -16.91
CA SER B 68 -16.73 -13.22 -16.66
C SER B 68 -16.30 -14.00 -17.93
N ASN B 69 -17.17 -14.05 -18.94
CA ASN B 69 -16.78 -14.49 -20.29
C ASN B 69 -15.68 -13.54 -20.79
N ALA B 70 -14.45 -14.07 -20.86
CA ALA B 70 -13.21 -13.25 -21.07
C ALA B 70 -12.96 -12.76 -22.49
N ALA B 71 -13.28 -13.60 -23.49
CA ALA B 71 -13.18 -13.21 -24.90
C ALA B 71 -14.04 -11.97 -25.15
N LEU B 72 -15.28 -12.02 -24.70
CA LEU B 72 -16.20 -10.89 -24.81
C LEU B 72 -15.68 -9.63 -24.10
N THR B 73 -15.24 -9.78 -22.84
CA THR B 73 -14.55 -8.69 -22.10
C THR B 73 -13.40 -8.10 -22.94
N LEU B 74 -12.73 -8.93 -23.75
CA LEU B 74 -11.66 -8.44 -24.61
C LEU B 74 -12.20 -7.51 -25.70
N ARG B 75 -13.24 -7.96 -26.39
CA ARG B 75 -13.84 -7.17 -27.50
C ARG B 75 -14.37 -5.81 -27.02
N ASN B 76 -15.15 -5.84 -25.93
CA ASN B 76 -15.78 -4.64 -25.35
C ASN B 76 -14.75 -3.61 -24.88
N PHE B 77 -13.75 -4.06 -24.13
CA PHE B 77 -12.66 -3.20 -23.67
C PHE B 77 -11.78 -2.81 -24.85
N CYS B 78 -11.42 -3.79 -25.67
CA CYS B 78 -10.62 -3.54 -26.85
C CYS B 78 -11.30 -2.54 -27.80
N ASN B 79 -12.64 -2.58 -27.87
CA ASN B 79 -13.41 -1.55 -28.60
C ASN B 79 -13.56 -0.24 -27.83
N TRP B 80 -13.61 -0.32 -26.49
CA TRP B 80 -13.74 0.87 -25.66
C TRP B 80 -12.45 1.71 -25.67
N GLN B 81 -11.31 1.06 -25.53
CA GLN B 81 -10.02 1.76 -25.35
C GLN B 81 -9.62 2.61 -26.55
N LYS B 82 -10.25 2.31 -27.70
CA LYS B 82 -10.09 3.08 -28.93
C LYS B 82 -10.32 4.55 -28.67
N GLN B 83 -11.54 4.89 -28.29
CA GLN B 83 -11.97 6.28 -28.22
C GLN B 83 -11.13 7.17 -27.28
N HIS B 84 -10.58 6.59 -26.21
CA HIS B 84 -9.74 7.36 -25.26
C HIS B 84 -8.25 7.44 -25.65
N ASN B 85 -7.99 7.51 -26.96
CA ASN B 85 -6.64 7.51 -27.52
C ASN B 85 -6.51 8.59 -28.61
N PRO B 86 -5.64 9.60 -28.40
CA PRO B 86 -5.40 10.59 -29.44
C PRO B 86 -5.17 9.92 -30.79
N PRO B 87 -5.58 10.58 -31.90
CA PRO B 87 -5.29 10.03 -33.24
C PRO B 87 -3.88 10.39 -33.77
N SER B 88 -2.93 10.57 -32.84
CA SER B 88 -1.64 11.18 -33.12
C SER B 88 -0.61 10.74 -32.09
N ASP B 89 0.52 10.21 -32.57
CA ASP B 89 1.64 9.81 -31.68
C ASP B 89 2.58 10.97 -31.33
N ARG B 90 2.28 12.16 -31.86
CA ARG B 90 2.92 13.39 -31.39
C ARG B 90 2.52 13.66 -29.93
N ASP B 91 1.31 13.23 -29.54
CA ASP B 91 0.77 13.48 -28.22
C ASP B 91 1.53 12.69 -27.14
N ALA B 92 1.75 13.33 -25.99
CA ALA B 92 2.54 12.76 -24.89
C ALA B 92 1.89 11.52 -24.30
N GLU B 93 0.57 11.44 -24.43
CA GLU B 93 -0.22 10.33 -23.90
C GLU B 93 -0.91 9.57 -25.04
N HIS B 94 -0.24 9.52 -26.19
CA HIS B 94 -0.60 8.57 -27.22
C HIS B 94 0.09 7.28 -26.86
N TYR B 95 -0.69 6.20 -26.79
CA TYR B 95 -0.16 4.89 -26.40
C TYR B 95 -0.21 3.91 -27.58
N ASP B 96 0.70 2.96 -27.55
CA ASP B 96 0.74 1.88 -28.52
C ASP B 96 -0.02 0.65 -28.01
N THR B 97 -0.10 0.46 -26.68
CA THR B 97 -0.89 -0.65 -26.11
C THR B 97 -1.63 -0.26 -24.85
N ALA B 98 -2.66 -1.03 -24.50
CA ALA B 98 -3.57 -0.69 -23.40
C ALA B 98 -4.02 -1.95 -22.67
N ILE B 99 -3.79 -1.99 -21.36
CA ILE B 99 -3.98 -3.20 -20.56
C ILE B 99 -5.08 -3.02 -19.50
N LEU B 100 -6.10 -3.89 -19.53
CA LEU B 100 -7.20 -3.82 -18.59
C LEU B 100 -7.00 -4.86 -17.50
N PHE B 101 -7.33 -4.48 -16.25
CA PHE B 101 -7.26 -5.38 -15.08
C PHE B 101 -8.59 -5.39 -14.33
N THR B 102 -8.97 -6.55 -13.84
CA THR B 102 -10.21 -6.70 -13.08
C THR B 102 -10.09 -7.73 -11.94
N ARG B 103 -10.98 -7.63 -10.94
CA ARG B 103 -11.10 -8.64 -9.89
C ARG B 103 -12.06 -9.74 -10.32
N GLN B 104 -12.75 -9.52 -11.44
CA GLN B 104 -13.72 -10.51 -11.92
C GLN B 104 -12.97 -11.78 -12.33
N ASP B 105 -13.44 -12.94 -11.86
CA ASP B 105 -12.78 -14.21 -12.19
C ASP B 105 -13.21 -14.66 -13.59
N LEU B 106 -12.27 -14.58 -14.53
CA LEU B 106 -12.57 -14.78 -15.95
C LEU B 106 -12.76 -16.26 -16.27
N CYS B 107 -13.46 -16.52 -17.37
CA CYS B 107 -13.80 -17.88 -17.82
C CYS B 107 -13.63 -17.98 -19.32
N GLY B 108 -13.77 -19.20 -19.82
CA GLY B 108 -14.00 -19.47 -21.25
C GLY B 108 -15.41 -20.04 -21.40
N SER B 109 -15.55 -21.06 -22.24
CA SER B 109 -16.82 -21.81 -22.35
C SER B 109 -16.76 -23.04 -21.44
N GLN B 110 -15.67 -23.80 -21.58
CA GLN B 110 -15.43 -25.01 -20.80
C GLN B 110 -14.24 -24.79 -19.86
N THR B 111 -14.40 -23.83 -18.94
CA THR B 111 -13.43 -23.55 -17.84
C THR B 111 -13.63 -22.18 -17.22
N CYS B 112 -13.38 -22.10 -15.92
CA CYS B 112 -13.14 -20.83 -15.25
C CYS B 112 -11.83 -20.93 -14.48
N ASP B 113 -10.78 -21.29 -15.22
CA ASP B 113 -9.41 -21.41 -14.70
C ASP B 113 -8.51 -20.44 -15.49
N THR B 114 -9.13 -19.49 -16.20
CA THR B 114 -8.44 -18.60 -17.15
C THR B 114 -8.07 -17.22 -16.55
N LEU B 115 -6.81 -16.82 -16.73
CA LEU B 115 -6.16 -15.72 -15.98
C LEU B 115 -6.01 -14.41 -16.73
N GLY B 116 -5.89 -14.49 -18.05
CA GLY B 116 -5.68 -13.32 -18.90
C GLY B 116 -6.07 -13.59 -20.36
N MET B 117 -6.13 -12.52 -21.15
CA MET B 117 -6.73 -12.59 -22.47
C MET B 117 -6.06 -11.62 -23.43
N ALA B 118 -5.40 -12.16 -24.45
CA ALA B 118 -4.83 -11.36 -25.54
C ALA B 118 -4.91 -12.08 -26.91
N ASP B 119 -4.88 -11.27 -27.96
CA ASP B 119 -4.80 -11.79 -29.32
C ASP B 119 -3.36 -11.67 -29.83
N VAL B 120 -3.01 -12.48 -30.83
CA VAL B 120 -1.61 -12.66 -31.25
C VAL B 120 -1.24 -11.70 -32.38
N GLY B 121 -0.10 -11.03 -32.25
CA GLY B 121 0.41 -10.11 -33.27
C GLY B 121 -0.48 -8.90 -33.56
N THR B 122 -0.70 -8.07 -32.52
CA THR B 122 -1.64 -6.93 -32.59
C THR B 122 -1.05 -5.57 -32.19
N VAL B 123 0.28 -5.47 -32.07
CA VAL B 123 0.89 -4.33 -31.36
C VAL B 123 0.64 -2.90 -31.93
N CYS B 124 1.31 -2.51 -33.01
CA CYS B 124 1.15 -1.14 -33.52
C CYS B 124 -0.20 -0.91 -34.21
N ASP B 125 -0.95 -1.98 -34.45
CA ASP B 125 -2.35 -1.89 -34.87
C ASP B 125 -3.20 -1.42 -33.70
N PRO B 126 -3.71 -0.17 -33.74
CA PRO B 126 -4.56 0.24 -32.62
C PRO B 126 -5.92 -0.46 -32.59
N SER B 127 -6.40 -0.94 -33.73
CA SER B 127 -7.64 -1.72 -33.78
C SER B 127 -7.69 -2.70 -32.58
N ARG B 128 -6.63 -3.49 -32.43
CA ARG B 128 -6.65 -4.69 -31.57
C ARG B 128 -5.65 -4.73 -30.39
N SER B 129 -4.80 -3.71 -30.22
CA SER B 129 -3.66 -3.82 -29.27
C SER B 129 -4.05 -3.83 -27.75
N CYS B 130 -4.70 -4.89 -27.33
CA CYS B 130 -5.31 -4.95 -26.02
C CYS B 130 -5.04 -6.25 -25.29
N SER B 131 -4.96 -6.14 -23.96
CA SER B 131 -4.93 -7.32 -23.07
C SER B 131 -5.89 -7.12 -21.91
N VAL B 132 -6.48 -8.22 -21.43
CA VAL B 132 -7.22 -8.24 -20.16
C VAL B 132 -6.55 -9.21 -19.17
N ILE B 133 -6.58 -8.86 -17.88
CA ILE B 133 -5.87 -9.61 -16.83
C ILE B 133 -6.79 -9.81 -15.63
N GLU B 134 -6.80 -11.02 -15.06
CA GLU B 134 -7.36 -11.18 -13.71
C GLU B 134 -6.29 -10.77 -12.70
N ASP B 135 -6.68 -9.89 -11.78
CA ASP B 135 -5.87 -9.60 -10.60
C ASP B 135 -6.40 -10.54 -9.55
N ASP B 136 -5.65 -11.60 -9.33
CA ASP B 136 -5.84 -12.48 -8.19
C ASP B 136 -4.52 -12.46 -7.41
N GLY B 137 -3.76 -11.38 -7.58
CA GLY B 137 -2.51 -11.19 -6.86
C GLY B 137 -1.34 -10.70 -7.69
N LEU B 138 -0.18 -10.58 -7.03
CA LEU B 138 1.05 -10.13 -7.65
C LEU B 138 1.53 -11.03 -8.76
N GLN B 139 1.06 -12.28 -8.75
CA GLN B 139 1.28 -13.18 -9.89
C GLN B 139 0.66 -12.62 -11.18
N ALA B 140 -0.18 -11.57 -11.08
CA ALA B 140 -0.78 -10.96 -12.27
C ALA B 140 0.22 -10.12 -13.11
N ALA B 141 1.41 -9.88 -12.54
CA ALA B 141 2.54 -9.31 -13.29
C ALA B 141 3.02 -10.29 -14.33
N PHE B 142 2.80 -11.59 -14.09
CA PHE B 142 3.19 -12.64 -15.03
C PHE B 142 2.16 -12.89 -16.11
N THR B 143 0.88 -12.84 -15.76
CA THR B 143 -0.16 -12.79 -16.79
C THR B 143 0.02 -11.57 -17.72
N THR B 144 0.40 -10.42 -17.16
CA THR B 144 0.68 -9.22 -17.99
C THR B 144 1.81 -9.48 -19.01
N ALA B 145 2.91 -10.05 -18.52
CA ALA B 145 4.04 -10.39 -19.38
C ALA B 145 3.66 -11.43 -20.49
N HIS B 146 2.86 -12.42 -20.09
CA HIS B 146 2.41 -13.48 -20.98
C HIS B 146 1.52 -12.94 -22.12
N GLU B 147 0.47 -12.21 -21.76
CA GLU B 147 -0.46 -11.71 -22.75
C GLU B 147 0.20 -10.74 -23.74
N LEU B 148 1.01 -9.83 -23.21
CA LEU B 148 1.75 -8.92 -24.05
C LEU B 148 2.69 -9.70 -24.96
N GLY B 149 3.01 -10.93 -24.60
CA GLY B 149 3.70 -11.85 -25.50
C GLY B 149 2.85 -12.15 -26.71
N HIS B 150 1.54 -12.35 -26.48
CA HIS B 150 0.60 -12.52 -27.58
C HIS B 150 0.53 -11.23 -28.44
N VAL B 151 0.45 -10.06 -27.81
CA VAL B 151 0.55 -8.79 -28.56
C VAL B 151 1.85 -8.71 -29.38
N PHE B 152 2.96 -9.18 -28.82
CA PHE B 152 4.26 -9.16 -29.52
C PHE B 152 4.55 -10.37 -30.42
N ASN B 153 3.50 -11.08 -30.81
CA ASN B 153 3.57 -12.15 -31.81
C ASN B 153 4.07 -13.50 -31.30
N MET B 154 4.09 -13.68 -29.98
CA MET B 154 4.56 -14.91 -29.35
C MET B 154 3.39 -15.87 -29.16
N PRO B 155 3.51 -17.11 -29.69
CA PRO B 155 2.57 -18.20 -29.42
C PRO B 155 2.98 -18.96 -28.16
N HIS B 156 2.26 -20.02 -27.81
CA HIS B 156 2.67 -20.88 -26.69
C HIS B 156 3.81 -21.80 -27.08
N ASP B 157 4.56 -22.24 -26.07
CA ASP B 157 5.80 -23.01 -26.25
C ASP B 157 5.58 -24.45 -26.71
N ASP B 158 4.29 -24.84 -26.78
CA ASP B 158 3.87 -26.13 -27.30
C ASP B 158 3.24 -26.02 -28.70
N ALA B 159 3.09 -24.79 -29.22
CA ALA B 159 2.67 -24.60 -30.61
C ALA B 159 3.62 -25.39 -31.48
N LYS B 160 3.12 -25.91 -32.60
CA LYS B 160 3.92 -26.86 -33.36
C LYS B 160 5.13 -26.24 -34.06
N GLN B 161 5.08 -24.94 -34.32
CA GLN B 161 6.23 -24.27 -34.92
C GLN B 161 7.33 -23.91 -33.92
N CYS B 162 7.05 -24.06 -32.62
CA CYS B 162 8.05 -23.90 -31.55
C CYS B 162 8.84 -25.17 -31.26
N ALA B 163 8.38 -26.30 -31.78
CA ALA B 163 8.94 -27.60 -31.41
C ALA B 163 10.39 -27.80 -31.87
N SER B 164 10.79 -27.13 -32.94
CA SER B 164 12.20 -27.17 -33.38
C SER B 164 13.05 -26.24 -32.49
N LEU B 165 12.55 -25.03 -32.28
CA LEU B 165 13.27 -24.00 -31.51
C LEU B 165 13.38 -24.34 -30.03
N ASN B 166 12.38 -25.03 -29.50
CA ASN B 166 12.40 -25.48 -28.11
C ASN B 166 12.87 -26.93 -28.01
N SER B 172 7.69 -24.40 -18.79
CA SER B 172 8.60 -23.75 -17.83
C SER B 172 9.11 -22.37 -18.26
N HIS B 173 8.53 -21.79 -19.30
CA HIS B 173 8.86 -20.41 -19.72
C HIS B 173 7.60 -19.55 -19.74
N MET B 174 7.78 -18.24 -19.89
CA MET B 174 6.67 -17.32 -19.88
C MET B 174 5.48 -17.73 -20.76
N MET B 175 5.72 -18.36 -21.90
CA MET B 175 4.61 -18.61 -22.83
C MET B 175 4.11 -20.06 -22.84
N ALA B 176 4.18 -20.76 -21.71
CA ALA B 176 3.53 -22.06 -21.59
C ALA B 176 2.02 -21.85 -21.67
N SER B 177 1.25 -22.86 -22.07
CA SER B 177 -0.21 -22.75 -22.17
C SER B 177 -0.90 -23.08 -20.84
N MET B 178 -0.11 -23.50 -19.85
CA MET B 178 -0.59 -23.71 -18.46
C MET B 178 0.51 -23.36 -17.46
N LEU B 179 0.10 -22.89 -16.28
CA LEU B 179 1.00 -22.79 -15.13
C LEU B 179 1.59 -24.16 -14.84
N ASN B 181 4.81 -22.59 -13.55
CA ASN B 181 6.14 -23.00 -13.06
C ASN B 181 7.28 -22.43 -13.92
N LEU B 182 7.70 -21.22 -13.59
CA LEU B 182 8.58 -20.43 -14.44
C LEU B 182 10.06 -20.62 -14.06
N ASP B 183 10.92 -20.86 -15.05
CA ASP B 183 12.37 -20.86 -14.84
C ASP B 183 12.84 -19.42 -14.85
N HIS B 184 13.00 -18.85 -13.66
CA HIS B 184 13.20 -17.40 -13.51
C HIS B 184 14.59 -16.88 -13.96
N SER B 185 15.57 -17.78 -14.06
CA SER B 185 16.87 -17.44 -14.67
C SER B 185 16.80 -17.34 -16.22
N GLN B 186 15.70 -17.79 -16.80
CA GLN B 186 15.53 -17.85 -18.25
C GLN B 186 14.03 -17.91 -18.51
N PRO B 187 13.33 -16.79 -18.27
CA PRO B 187 11.86 -16.78 -18.36
C PRO B 187 11.25 -16.93 -19.79
N TRP B 188 12.02 -16.61 -20.83
CA TRP B 188 11.52 -16.66 -22.19
C TRP B 188 12.18 -17.83 -22.89
N SER B 189 11.38 -18.65 -23.56
CA SER B 189 11.90 -19.80 -24.32
C SER B 189 12.64 -19.29 -25.56
N PRO B 190 13.43 -20.16 -26.20
CA PRO B 190 13.94 -19.87 -27.56
C PRO B 190 12.86 -19.45 -28.56
N CYS B 191 11.72 -20.14 -28.55
CA CYS B 191 10.64 -19.79 -29.45
C CYS B 191 10.16 -18.35 -29.25
N SER B 192 9.99 -17.96 -28.00
CA SER B 192 9.55 -16.60 -27.66
C SER B 192 10.54 -15.53 -28.11
N ALA B 193 11.83 -15.82 -27.96
CA ALA B 193 12.88 -14.91 -28.39
C ALA B 193 12.82 -14.72 -29.91
N TYR B 194 12.74 -15.82 -30.65
CA TYR B 194 12.69 -15.76 -32.10
C TYR B 194 11.44 -15.03 -32.64
N MET B 195 10.27 -15.33 -32.08
CA MET B 195 8.99 -14.81 -32.60
C MET B 195 8.87 -13.31 -32.39
N ILE B 196 9.27 -12.82 -31.21
CA ILE B 196 9.35 -11.37 -30.95
C ILE B 196 10.41 -10.68 -31.84
N THR B 197 11.60 -11.25 -31.91
CA THR B 197 12.67 -10.69 -32.72
C THR B 197 12.28 -10.69 -34.20
N SER B 198 11.81 -11.85 -34.67
CA SER B 198 11.34 -12.01 -36.05
C SER B 198 10.36 -10.90 -36.41
N PHE B 199 9.34 -10.75 -35.58
CA PHE B 199 8.28 -9.73 -35.70
C PHE B 199 8.84 -8.30 -35.85
N LEU B 200 9.69 -7.90 -34.91
CA LEU B 200 10.31 -6.57 -34.94
C LEU B 200 11.31 -6.43 -36.10
N ASP B 201 12.17 -7.43 -36.31
CA ASP B 201 13.08 -7.44 -37.50
C ASP B 201 12.35 -7.02 -38.78
N ASN B 202 11.18 -7.60 -38.98
CA ASN B 202 10.41 -7.37 -40.21
C ASN B 202 9.74 -6.01 -40.31
N GLY B 203 9.75 -5.23 -39.23
CA GLY B 203 9.26 -3.86 -39.23
C GLY B 203 7.94 -3.64 -38.49
N HIS B 204 7.35 -4.72 -37.97
CA HIS B 204 5.99 -4.67 -37.41
C HIS B 204 5.86 -3.88 -36.11
N GLY B 205 6.98 -3.47 -35.53
CA GLY B 205 6.97 -2.56 -34.38
C GLY B 205 7.48 -1.18 -34.76
N GLU B 206 7.06 -0.68 -35.92
CA GLU B 206 7.46 0.65 -36.45
C GLU B 206 7.28 1.75 -35.41
N CYS B 207 6.15 1.70 -34.71
CA CYS B 207 5.78 2.69 -33.70
C CYS B 207 6.44 2.48 -32.31
N LEU B 208 7.35 1.52 -32.19
CA LEU B 208 8.08 1.30 -30.94
C LEU B 208 9.43 2.01 -30.90
N MET B 209 9.96 2.40 -32.06
CA MET B 209 11.17 3.24 -32.13
C MET B 209 10.86 4.63 -31.55
N ASP B 210 9.65 5.09 -31.83
CA ASP B 210 9.01 6.22 -31.13
C ASP B 210 9.15 6.21 -29.58
N LYS B 211 9.38 7.39 -29.01
CA LYS B 211 9.86 7.57 -27.63
C LYS B 211 8.86 8.38 -26.76
N PRO B 212 8.72 8.03 -25.46
CA PRO B 212 7.74 8.74 -24.61
C PRO B 212 8.12 10.13 -24.08
N GLN B 213 7.11 10.93 -23.75
CA GLN B 213 7.26 12.15 -22.96
C GLN B 213 6.86 11.88 -21.49
N ASN B 214 7.26 12.78 -20.60
CA ASN B 214 7.12 12.62 -19.14
C ASN B 214 6.52 11.28 -18.70
N PRO B 215 7.28 10.17 -18.88
CA PRO B 215 6.74 8.84 -18.63
C PRO B 215 6.56 8.58 -17.15
N ILE B 216 5.53 7.81 -16.80
CA ILE B 216 5.21 7.52 -15.40
C ILE B 216 6.33 6.70 -14.75
N GLN B 217 7.01 7.34 -13.79
CA GLN B 217 8.17 6.76 -13.12
C GLN B 217 7.78 5.42 -12.48
N LEU B 218 8.03 4.34 -13.20
CA LEU B 218 7.78 2.99 -12.67
C LEU B 218 8.57 2.74 -11.39
N PRO B 219 7.98 2.02 -10.42
CA PRO B 219 8.64 1.69 -9.16
C PRO B 219 9.90 0.85 -9.36
N GLY B 220 11.06 1.45 -9.08
CA GLY B 220 12.36 0.77 -9.24
C GLY B 220 12.61 -0.36 -8.24
N ASP B 221 11.77 -0.47 -7.20
CA ASP B 221 11.93 -1.51 -6.19
C ASP B 221 11.29 -2.84 -6.66
N LEU B 222 11.76 -3.96 -6.10
CA LEU B 222 11.13 -5.30 -6.30
C LEU B 222 9.80 -5.44 -5.51
N PRO B 223 8.80 -6.17 -6.09
CA PRO B 223 7.37 -6.12 -5.70
C PRO B 223 6.98 -6.23 -4.23
N GLY B 224 7.66 -7.06 -3.48
CA GLY B 224 7.32 -7.27 -2.09
C GLY B 224 7.95 -6.32 -1.09
N THR B 225 8.84 -5.45 -1.59
CA THR B 225 9.43 -4.37 -0.78
C THR B 225 8.30 -3.45 -0.34
N SER B 226 7.39 -3.22 -1.27
CA SER B 226 6.21 -2.42 -1.05
C SER B 226 5.03 -3.22 -0.48
N TYR B 227 5.07 -4.55 -0.63
CA TYR B 227 3.96 -5.43 -0.22
C TYR B 227 4.41 -6.70 0.48
N ASP B 228 4.16 -6.77 1.79
CA ASP B 228 4.54 -7.92 2.58
C ASP B 228 3.57 -9.09 2.34
N ALA B 229 3.86 -10.26 2.94
CA ALA B 229 3.11 -11.50 2.64
C ALA B 229 1.63 -11.37 3.01
N ASN B 230 1.34 -10.63 4.08
CA ASN B 230 -0.04 -10.38 4.46
C ASN B 230 -0.73 -9.67 3.35
N ARG B 231 -0.07 -8.66 2.78
CA ARG B 231 -0.65 -7.89 1.66
C ARG B 231 -0.91 -8.82 0.47
N GLN B 232 0.10 -9.61 0.13
CA GLN B 232 -0.05 -10.63 -0.93
C GLN B 232 -1.22 -11.60 -0.73
N CYS B 233 -1.39 -12.09 0.51
CA CYS B 233 -2.52 -12.95 0.84
C CYS B 233 -3.88 -12.29 0.61
N GLN B 234 -3.97 -11.02 0.99
CA GLN B 234 -5.16 -10.21 0.75
C GLN B 234 -5.51 -10.00 -0.71
N PHE B 235 -4.50 -9.73 -1.53
CA PHE B 235 -4.70 -9.60 -2.97
C PHE B 235 -5.32 -10.84 -3.60
N THR B 236 -5.00 -12.04 -3.11
CA THR B 236 -5.53 -13.28 -3.68
C THR B 236 -6.81 -13.72 -3.04
N PHE B 237 -6.83 -13.69 -1.71
CA PHE B 237 -7.90 -14.34 -0.95
C PHE B 237 -8.79 -13.36 -0.26
N GLY B 238 -8.49 -12.08 -0.39
CA GLY B 238 -9.39 -11.07 0.13
C GLY B 238 -8.89 -10.45 1.39
N GLU B 239 -9.65 -9.46 1.80
CA GLU B 239 -9.17 -8.46 2.74
C GLU B 239 -8.97 -9.04 4.15
N ASP B 240 -9.75 -10.07 4.50
CA ASP B 240 -9.62 -10.75 5.79
C ASP B 240 -8.44 -11.74 5.86
N SER B 241 -7.91 -12.12 4.71
CA SER B 241 -6.86 -13.13 4.66
C SER B 241 -5.50 -12.53 5.08
N LYS B 242 -4.66 -13.30 5.74
CA LYS B 242 -3.30 -12.89 6.07
C LYS B 242 -2.35 -14.06 5.89
N HIS B 243 -1.07 -13.78 6.03
CA HIS B 243 -0.07 -14.82 6.02
C HIS B 243 -0.34 -15.92 7.08
N CYS B 244 -0.16 -17.17 6.68
CA CYS B 244 -0.46 -18.30 7.54
C CYS B 244 0.71 -18.60 8.51
N THR B 250 8.75 -19.13 4.37
CA THR B 250 9.78 -19.87 3.65
C THR B 250 10.03 -19.36 2.22
N CYS B 251 9.33 -18.32 1.78
CA CYS B 251 9.51 -17.77 0.42
C CYS B 251 9.02 -18.66 -0.74
N SER B 252 8.95 -19.97 -0.50
CA SER B 252 8.75 -20.96 -1.57
C SER B 252 7.29 -21.08 -1.98
N THR B 253 6.39 -21.04 -1.00
CA THR B 253 4.95 -21.06 -1.25
C THR B 253 4.22 -20.12 -0.28
N LEU B 254 3.47 -19.21 -0.85
CA LEU B 254 2.65 -18.34 -0.06
C LEU B 254 1.41 -19.09 0.42
N TRP B 255 1.31 -19.30 1.72
CA TRP B 255 0.09 -19.82 2.36
C TRP B 255 -0.60 -18.70 3.13
N CYS B 256 -1.93 -18.70 3.04
CA CYS B 256 -2.80 -17.63 3.57
C CYS B 256 -3.97 -18.23 4.33
N THR B 257 -4.53 -17.45 5.25
CA THR B 257 -5.61 -17.93 6.10
C THR B 257 -6.95 -17.87 5.36
N GLY B 258 -7.93 -18.66 5.83
CA GLY B 258 -9.25 -18.73 5.19
C GLY B 258 -10.39 -19.05 6.15
N THR B 259 -11.32 -19.89 5.70
CA THR B 259 -12.52 -20.27 6.49
C THR B 259 -13.44 -19.07 6.67
N LEU B 264 -7.96 -23.62 12.68
CA LEU B 264 -7.04 -22.98 11.76
C LEU B 264 -7.21 -23.54 10.34
N VAL B 265 -7.55 -22.65 9.38
CA VAL B 265 -7.72 -23.03 7.96
C VAL B 265 -6.80 -22.18 7.11
N CYS B 266 -5.96 -22.81 6.29
CA CYS B 266 -5.02 -22.12 5.42
C CYS B 266 -5.10 -22.59 3.96
N GLN B 267 -4.70 -21.73 3.04
CA GLN B 267 -4.82 -22.04 1.62
C GLN B 267 -3.78 -21.35 0.75
N THR B 268 -3.66 -21.87 -0.48
CA THR B 268 -2.68 -21.43 -1.45
C THR B 268 -3.14 -21.67 -2.89
N LYS B 269 -2.66 -20.81 -3.79
CA LYS B 269 -2.75 -21.04 -5.24
C LYS B 269 -1.39 -21.52 -5.80
N HIS B 270 -0.48 -21.90 -4.91
CA HIS B 270 0.76 -22.58 -5.28
C HIS B 270 1.81 -21.65 -5.95
N PHE B 271 1.82 -20.37 -5.53
CA PHE B 271 2.79 -19.38 -5.99
C PHE B 271 3.76 -19.05 -4.89
N PRO B 272 5.01 -18.71 -5.26
CA PRO B 272 5.95 -18.29 -4.21
C PRO B 272 5.69 -16.84 -3.80
N TRP B 273 6.32 -16.44 -2.70
CA TRP B 273 6.23 -15.08 -2.23
C TRP B 273 6.95 -14.22 -3.26
N ALA B 274 6.47 -13.00 -3.47
CA ALA B 274 6.97 -12.19 -4.55
C ALA B 274 8.43 -11.83 -4.30
N ASP B 275 9.16 -11.52 -5.36
CA ASP B 275 10.58 -11.15 -5.22
C ASP B 275 10.66 -9.88 -4.41
N GLY B 276 11.52 -9.87 -3.40
CA GLY B 276 11.72 -8.64 -2.63
C GLY B 276 10.74 -8.50 -1.50
N THR B 277 10.11 -9.62 -1.15
CA THR B 277 9.23 -9.73 -0.03
C THR B 277 10.11 -9.99 1.17
N SER B 278 9.89 -9.25 2.25
CA SER B 278 10.63 -9.46 3.48
C SER B 278 10.38 -10.86 4.01
N CYS B 279 11.38 -11.43 4.68
CA CYS B 279 11.24 -12.70 5.38
C CYS B 279 12.10 -12.70 6.64
N GLY B 280 12.05 -11.59 7.38
CA GLY B 280 12.81 -11.43 8.62
C GLY B 280 13.79 -10.28 8.49
N GLU B 281 14.74 -10.21 9.41
CA GLU B 281 15.74 -9.12 9.44
C GLU B 281 16.80 -9.30 8.37
N GLY B 282 16.97 -8.27 7.53
CA GLY B 282 18.04 -8.25 6.52
C GLY B 282 17.94 -9.37 5.51
N LYS B 283 16.71 -9.83 5.25
CA LYS B 283 16.46 -10.95 4.36
C LYS B 283 15.22 -10.68 3.49
N TRP B 284 15.26 -11.13 2.25
CA TRP B 284 14.13 -11.01 1.35
C TRP B 284 14.08 -12.19 0.37
N CYS B 285 12.95 -12.34 -0.32
CA CYS B 285 12.75 -13.46 -1.25
C CYS B 285 13.31 -13.09 -2.60
N ILE B 286 14.27 -13.87 -3.08
CA ILE B 286 14.65 -13.87 -4.48
C ILE B 286 14.36 -15.28 -5.02
N ASN B 287 13.56 -15.34 -6.09
CA ASN B 287 13.18 -16.59 -6.75
C ASN B 287 12.94 -17.80 -5.83
N GLY B 288 12.19 -17.60 -4.75
CA GLY B 288 11.77 -18.70 -3.89
C GLY B 288 12.69 -18.99 -2.71
N LYS B 289 13.80 -18.26 -2.63
CA LYS B 289 14.74 -18.45 -1.55
C LYS B 289 14.77 -17.21 -0.70
N CYS B 290 14.60 -17.37 0.61
CA CYS B 290 14.80 -16.29 1.56
C CYS B 290 16.29 -16.09 1.76
N VAL B 291 16.80 -14.94 1.31
CA VAL B 291 18.22 -14.65 1.25
C VAL B 291 18.51 -13.28 1.82
N ASN B 292 19.80 -12.96 1.99
CA ASN B 292 20.21 -11.72 2.62
C ASN B 292 20.06 -10.49 1.72
N LYS B 293 19.58 -9.41 2.34
CA LYS B 293 19.46 -8.10 1.73
C LYS B 293 20.20 -7.12 2.63
N LEU B 294 21.23 -6.45 2.10
CA LEU B 294 22.09 -5.59 2.92
C LEU B 294 21.59 -4.15 3.03
N VAL B 295 21.16 -3.56 1.92
CA VAL B 295 20.62 -2.19 1.92
C VAL B 295 19.49 -2.12 2.95
N PRO B 296 19.52 -1.11 3.84
CA PRO B 296 18.50 -1.10 4.90
C PRO B 296 17.09 -0.80 4.39
N ARG B 297 16.12 -1.03 5.26
CA ARG B 297 14.71 -0.70 5.02
C ARG B 297 13.94 -0.63 6.33
#